data_8IF0
#
_entry.id   8IF0
#
_cell.length_a   93.061
_cell.length_b   60.742
_cell.length_c   46.428
_cell.angle_alpha   90.000
_cell.angle_beta   108.250
_cell.angle_gamma   90.000
#
_symmetry.space_group_name_H-M   'C 1 2 1'
#
loop_
_entity.id
_entity.type
_entity.pdbx_description
1 polymer 'CRISPR-associated endonuclease Cas9'
2 polymer 'Anti-CRISPR protein (AcrIIC1)'
3 water water
#
loop_
_entity_poly.entity_id
_entity_poly.type
_entity_poly.pdbx_seq_one_letter_code
_entity_poly.pdbx_strand_id
1 'polypeptide(L)'
;EVGKSFKDRKMIEKMQEENRKDREKAAAKFREYFPNFVGEPKSKDILKLRLYEMQHGKCLYSGKEINLGRLNEKGYVEID
HALPFSRTWDDSFNNKVLVLGSENQNKGNQTPYEYFNGKDNSREWQEFKARVETSRFPRSKKQRILLQKFDEDGFKERNL
;
X
2 'polypeptide(L)'
;MANKTYKIGKNAGYDGCGLCLAAISENEAIKVKYLRDICPDYDGDDKAEDWLRWGTDSRVKAAALEMEQYAYTSVGMASC
WEFVEL
;
Y
#
# COMPACT_ATOMS: atom_id res chain seq x y z
N GLY A 3 13.73 33.29 -12.55
CA GLY A 3 12.65 33.52 -11.62
C GLY A 3 12.91 32.95 -10.23
N LYS A 4 13.77 31.93 -10.16
CA LYS A 4 14.04 31.26 -8.91
C LYS A 4 15.09 32.00 -8.10
N SER A 5 14.92 31.99 -6.79
CA SER A 5 15.86 32.62 -5.88
C SER A 5 17.17 31.84 -5.83
N PHE A 6 18.23 32.52 -5.39
CA PHE A 6 19.50 31.82 -5.13
C PHE A 6 19.31 30.72 -4.11
N LYS A 7 18.59 31.02 -3.01
CA LYS A 7 18.39 30.04 -1.95
C LYS A 7 17.63 28.82 -2.45
N ASP A 8 16.61 29.03 -3.28
CA ASP A 8 15.87 27.91 -3.85
C ASP A 8 16.75 27.06 -4.76
N ARG A 9 17.62 27.70 -5.54
CA ARG A 9 18.53 26.94 -6.40
C ARG A 9 19.44 26.02 -5.56
N LYS A 10 19.99 26.55 -4.48
CA LYS A 10 20.90 25.76 -3.64
C LYS A 10 20.17 24.64 -2.92
N MET A 11 18.92 24.86 -2.52
CA MET A 11 18.19 23.81 -1.82
C MET A 11 17.77 22.71 -2.79
N ILE A 12 17.45 23.07 -4.03
CA ILE A 12 17.11 22.06 -5.04
C ILE A 12 18.30 21.14 -5.28
N GLU A 13 19.50 21.72 -5.40
CA GLU A 13 20.71 20.93 -5.61
C GLU A 13 21.01 20.05 -4.40
N LYS A 14 20.93 20.60 -3.20
CA LYS A 14 21.26 19.82 -2.01
C LYS A 14 20.23 18.73 -1.77
N MET A 15 18.95 19.03 -1.98
CA MET A 15 17.91 18.04 -1.79
C MET A 15 18.05 16.90 -2.80
N GLN A 16 18.37 17.22 -4.05
CA GLN A 16 18.54 16.17 -5.07
C GLN A 16 19.69 15.25 -4.72
N GLU A 17 20.79 15.81 -4.20
CA GLU A 17 21.93 14.98 -3.82
C GLU A 17 21.63 14.17 -2.56
N GLU A 18 21.00 14.79 -1.56
CA GLU A 18 20.70 14.07 -0.33
C GLU A 18 19.70 12.94 -0.58
N ASN A 19 18.72 13.17 -1.46
CA ASN A 19 17.78 12.10 -1.79
C ASN A 19 18.45 10.99 -2.58
N ARG A 20 19.47 11.33 -3.37
CA ARG A 20 20.23 10.30 -4.09
C ARG A 20 21.03 9.43 -3.12
N LYS A 21 21.65 10.07 -2.12
CA LYS A 21 22.37 9.32 -1.09
C LYS A 21 21.42 8.44 -0.28
N ASP A 22 20.29 9.01 0.15
CA ASP A 22 19.35 8.25 0.96
C ASP A 22 18.80 7.05 0.20
N ARG A 23 18.45 7.26 -1.07
CA ARG A 23 18.01 6.15 -1.92
C ARG A 23 19.10 5.10 -2.06
N GLU A 24 20.35 5.55 -2.19
CA GLU A 24 21.45 4.63 -2.44
C GLU A 24 21.78 3.80 -1.20
N LYS A 25 21.73 4.42 -0.01
CA LYS A 25 22.00 3.68 1.21
C LYS A 25 20.86 2.72 1.53
N ALA A 26 19.61 3.13 1.30
CA ALA A 26 18.49 2.24 1.56
C ALA A 26 18.57 1.00 0.68
N ALA A 27 18.96 1.17 -0.59
CA ALA A 27 19.07 0.03 -1.48
C ALA A 27 20.19 -0.91 -1.06
N ALA A 28 21.32 -0.35 -0.61
CA ALA A 28 22.43 -1.21 -0.20
C ALA A 28 22.10 -1.96 1.09
N LYS A 29 21.41 -1.29 2.02
CA LYS A 29 20.96 -1.96 3.23
C LYS A 29 20.03 -3.13 2.91
N PHE A 30 19.08 -2.91 1.98
CA PHE A 30 18.18 -3.99 1.59
C PHE A 30 18.96 -5.16 1.02
N ARG A 31 19.91 -4.88 0.12
CA ARG A 31 20.72 -5.94 -0.48
C ARG A 31 21.53 -6.69 0.57
N GLU A 32 21.95 -6.00 1.63
CA GLU A 32 22.70 -6.68 2.68
C GLU A 32 21.86 -7.75 3.36
N TYR A 33 20.58 -7.46 3.61
CA TYR A 33 19.71 -8.46 4.22
C TYR A 33 19.18 -9.49 3.22
N PHE A 34 19.16 -9.14 1.93
CA PHE A 34 18.64 -10.04 0.90
C PHE A 34 19.64 -10.11 -0.25
N PRO A 35 20.83 -10.65 -0.01
CA PRO A 35 21.82 -10.73 -1.09
C PRO A 35 21.33 -11.54 -2.28
N ASN A 36 20.43 -12.51 -2.07
CA ASN A 36 19.92 -13.34 -3.15
C ASN A 36 18.62 -12.81 -3.76
N PHE A 37 18.23 -11.58 -3.44
CA PHE A 37 17.07 -10.98 -4.09
C PHE A 37 17.30 -10.89 -5.60
N VAL A 38 16.37 -11.42 -6.37
CA VAL A 38 16.50 -11.47 -7.82
C VAL A 38 15.91 -10.19 -8.41
N GLY A 39 16.74 -9.39 -9.07
CA GLY A 39 16.29 -8.13 -9.63
C GLY A 39 16.67 -6.95 -8.76
N GLU A 40 16.03 -5.82 -9.10
CA GLU A 40 16.32 -4.60 -8.36
C GLU A 40 15.21 -4.33 -7.35
N PRO A 41 15.55 -4.10 -6.09
CA PRO A 41 14.50 -3.80 -5.10
C PRO A 41 13.79 -2.50 -5.46
N LYS A 42 12.47 -2.53 -5.41
CA LYS A 42 11.63 -1.40 -5.75
C LYS A 42 11.18 -0.67 -4.48
N SER A 43 10.43 0.40 -4.67
CA SER A 43 9.96 1.20 -3.53
C SER A 43 9.14 0.35 -2.57
N LYS A 44 8.27 -0.52 -3.09
CA LYS A 44 7.46 -1.38 -2.24
C LYS A 44 8.33 -2.31 -1.39
N ASP A 45 9.42 -2.83 -1.96
CA ASP A 45 10.30 -3.71 -1.21
C ASP A 45 11.04 -2.96 -0.10
N ILE A 46 11.60 -1.79 -0.43
CA ILE A 46 12.28 -0.98 0.58
C ILE A 46 11.32 -0.59 1.70
N LEU A 47 10.09 -0.23 1.34
CA LEU A 47 9.09 0.16 2.33
C LEU A 47 8.68 -1.00 3.21
N LYS A 48 8.62 -2.21 2.65
CA LYS A 48 8.35 -3.38 3.47
C LYS A 48 9.38 -3.50 4.59
N LEU A 49 10.65 -3.30 4.26
CA LEU A 49 11.70 -3.42 5.27
C LEU A 49 11.60 -2.29 6.30
N ARG A 50 11.27 -1.08 5.83
CA ARG A 50 11.13 0.05 6.75
C ARG A 50 9.99 -0.20 7.73
N LEU A 51 8.81 -0.59 7.22
CA LEU A 51 7.69 -0.88 8.08
C LEU A 51 7.97 -2.09 8.99
N TYR A 52 8.65 -3.13 8.46
CA TYR A 52 9.08 -4.23 9.31
C TYR A 52 9.82 -3.72 10.55
N GLU A 53 10.74 -2.77 10.33
CA GLU A 53 11.52 -2.23 11.44
C GLU A 53 10.67 -1.37 12.38
N MET A 54 9.82 -0.51 11.81
CA MET A 54 8.96 0.34 12.65
C MET A 54 7.98 -0.49 13.49
N GLN A 55 7.56 -1.64 12.98
CA GLN A 55 6.62 -2.50 13.66
C GLN A 55 7.30 -3.58 14.51
N HIS A 56 8.62 -3.47 14.73
CA HIS A 56 9.37 -4.42 15.55
C HIS A 56 9.20 -5.84 15.04
N GLY A 57 9.03 -5.99 13.72
CA GLY A 57 9.03 -7.33 13.14
C GLY A 57 7.75 -8.11 13.27
N LYS A 58 6.64 -7.43 13.56
CA LYS A 58 5.36 -8.08 13.81
CA LYS A 58 5.36 -8.08 13.81
C LYS A 58 4.29 -7.58 12.86
N CYS A 59 3.42 -8.49 12.47
CA CYS A 59 2.21 -8.15 11.75
C CYS A 59 1.35 -7.23 12.60
N LEU A 60 0.99 -6.08 12.03
CA LEU A 60 0.25 -5.11 12.83
C LEU A 60 -1.13 -5.62 13.26
N TYR A 61 -1.78 -6.43 12.43
CA TYR A 61 -3.14 -6.85 12.76
C TYR A 61 -3.15 -8.00 13.77
N SER A 62 -2.19 -8.92 13.68
CA SER A 62 -2.22 -10.12 14.49
C SER A 62 -1.17 -10.14 15.59
N GLY A 63 -0.15 -9.28 15.50
CA GLY A 63 0.97 -9.40 16.40
C GLY A 63 1.89 -10.58 16.14
N LYS A 64 1.65 -11.37 15.08
CA LYS A 64 2.51 -12.52 14.83
C LYS A 64 3.86 -12.07 14.29
N GLU A 65 4.90 -12.78 14.70
CA GLU A 65 6.25 -12.45 14.23
C GLU A 65 6.38 -12.73 12.74
N ILE A 66 6.78 -11.71 11.99
CA ILE A 66 7.12 -11.87 10.57
C ILE A 66 8.56 -12.35 10.47
N ASN A 67 8.76 -13.49 9.81
CA ASN A 67 10.09 -13.99 9.52
C ASN A 67 10.78 -13.05 8.51
N LEU A 68 11.85 -12.38 8.94
CA LEU A 68 12.56 -11.47 8.05
C LEU A 68 13.07 -12.17 6.80
N GLY A 69 13.50 -13.43 6.92
CA GLY A 69 13.96 -14.15 5.75
C GLY A 69 12.90 -14.29 4.67
N ARG A 70 11.64 -14.28 5.08
CA ARG A 70 10.50 -14.44 4.17
C ARG A 70 9.85 -13.12 3.78
N LEU A 71 10.47 -11.97 4.11
CA LEU A 71 9.84 -10.68 3.87
C LEU A 71 9.39 -10.50 2.43
N ASN A 72 10.14 -11.06 1.48
CA ASN A 72 9.81 -10.88 0.08
C ASN A 72 9.12 -12.08 -0.56
N GLU A 73 8.69 -13.05 0.26
CA GLU A 73 8.03 -14.25 -0.24
C GLU A 73 6.66 -13.90 -0.82
N LYS A 74 6.29 -14.61 -1.89
CA LYS A 74 5.02 -14.32 -2.54
C LYS A 74 3.85 -14.60 -1.61
N GLY A 75 3.01 -13.58 -1.41
CA GLY A 75 1.79 -13.67 -0.64
C GLY A 75 1.95 -13.63 0.87
N TYR A 76 3.19 -13.64 1.37
CA TYR A 76 3.41 -13.80 2.81
C TYR A 76 2.98 -12.55 3.58
N VAL A 77 3.57 -11.40 3.27
CA VAL A 77 3.16 -10.15 3.88
C VAL A 77 2.92 -9.11 2.78
N GLU A 78 2.11 -8.11 3.12
CA GLU A 78 1.72 -7.09 2.17
C GLU A 78 1.74 -5.74 2.88
N ILE A 79 1.97 -4.69 2.10
CA ILE A 79 1.66 -3.34 2.53
C ILE A 79 0.24 -3.06 2.10
N ASP A 80 -0.61 -2.63 3.04
CA ASP A 80 -1.97 -2.26 2.69
C ASP A 80 -2.36 -1.06 3.53
N HIS A 81 -3.57 -0.54 3.27
CA HIS A 81 -4.09 0.60 4.00
C HIS A 81 -4.80 0.13 5.25
N ALA A 82 -4.56 0.83 6.36
CA ALA A 82 -5.34 0.55 7.55
C ALA A 82 -6.78 0.94 7.36
N LEU A 83 -7.01 2.16 6.84
CA LEU A 83 -8.35 2.65 6.56
C LEU A 83 -8.61 2.46 5.08
N PRO A 84 -9.68 1.75 4.70
CA PRO A 84 -9.94 1.48 3.27
C PRO A 84 -10.02 2.75 2.45
N PHE A 85 -9.27 2.77 1.35
CA PHE A 85 -9.32 3.91 0.43
C PHE A 85 -10.74 4.20 -0.05
N SER A 86 -11.55 3.16 -0.30
CA SER A 86 -12.90 3.35 -0.79
C SER A 86 -13.77 4.17 0.16
N ARG A 87 -13.38 4.25 1.43
CA ARG A 87 -14.17 4.95 2.44
C ARG A 87 -13.53 6.24 2.91
N THR A 88 -12.28 6.50 2.51
CA THR A 88 -11.48 7.61 3.06
C THR A 88 -10.70 8.38 2.02
N TRP A 89 -10.45 7.82 0.84
CA TRP A 89 -9.56 8.41 -0.15
C TRP A 89 -8.15 8.60 0.41
N ASP A 90 -7.83 7.90 1.49
CA ASP A 90 -6.56 8.09 2.17
C ASP A 90 -5.52 7.14 1.58
N ASP A 91 -4.61 7.69 0.79
CA ASP A 91 -3.53 6.92 0.17
C ASP A 91 -2.18 7.29 0.76
N SER A 92 -2.17 7.91 1.93
CA SER A 92 -0.97 8.48 2.50
C SER A 92 -0.09 7.43 3.17
N PHE A 93 1.16 7.82 3.42
CA PHE A 93 2.06 6.96 4.17
C PHE A 93 1.50 6.65 5.54
N ASN A 94 0.82 7.63 6.15
CA ASN A 94 0.30 7.41 7.49
C ASN A 94 -0.72 6.28 7.52
N ASN A 95 -1.31 5.96 6.37
CA ASN A 95 -2.30 4.89 6.31
C ASN A 95 -1.71 3.54 5.95
N LYS A 96 -0.39 3.43 5.73
CA LYS A 96 0.20 2.18 5.25
C LYS A 96 0.73 1.33 6.38
N VAL A 97 0.39 0.03 6.35
CA VAL A 97 0.83 -0.89 7.40
C VAL A 97 1.32 -2.18 6.75
N LEU A 98 2.21 -2.88 7.46
CA LEU A 98 2.73 -4.18 7.02
C LEU A 98 2.02 -5.31 7.76
N VAL A 99 1.36 -6.20 7.02
CA VAL A 99 0.48 -7.20 7.62
C VAL A 99 0.61 -8.51 6.86
N LEU A 100 0.41 -9.62 7.58
CA LEU A 100 0.34 -10.92 6.92
C LEU A 100 -0.81 -10.95 5.94
N GLY A 101 -0.57 -11.54 4.78
CA GLY A 101 -1.61 -11.55 3.75
C GLY A 101 -2.89 -12.20 4.24
N SER A 102 -2.77 -13.27 5.00
CA SER A 102 -3.97 -13.96 5.49
C SER A 102 -4.72 -13.08 6.47
N GLU A 103 -4.01 -12.34 7.31
CA GLU A 103 -4.67 -11.46 8.26
C GLU A 103 -5.31 -10.28 7.55
N ASN A 104 -4.65 -9.75 6.53
CA ASN A 104 -5.20 -8.65 5.74
C ASN A 104 -6.49 -9.07 5.03
N GLN A 105 -6.51 -10.30 4.52
CA GLN A 105 -7.73 -10.80 3.87
C GLN A 105 -8.87 -10.92 4.86
N ASN A 106 -8.57 -11.35 6.09
CA ASN A 106 -9.62 -11.46 7.10
C ASN A 106 -10.21 -10.09 7.43
N LYS A 107 -9.37 -9.06 7.55
CA LYS A 107 -9.89 -7.73 7.85
C LYS A 107 -10.71 -7.18 6.70
N GLY A 108 -10.23 -7.31 5.47
CA GLY A 108 -11.04 -6.85 4.35
C GLY A 108 -11.26 -5.35 4.45
N ASN A 109 -12.47 -4.90 4.08
CA ASN A 109 -12.76 -3.47 4.00
C ASN A 109 -13.23 -2.88 5.32
N GLN A 110 -12.85 -3.47 6.45
CA GLN A 110 -13.18 -2.88 7.74
C GLN A 110 -12.06 -1.94 8.17
N THR A 111 -12.41 -0.94 8.96
CA THR A 111 -11.36 -0.21 9.66
C THR A 111 -10.87 -1.02 10.85
N PRO A 112 -9.67 -0.71 11.38
CA PRO A 112 -9.26 -1.37 12.63
C PRO A 112 -10.25 -1.17 13.77
N TYR A 113 -10.85 0.01 13.91
CA TYR A 113 -11.83 0.25 14.96
C TYR A 113 -13.01 -0.72 14.85
N GLU A 114 -13.46 -0.98 13.62
CA GLU A 114 -14.54 -1.94 13.41
C GLU A 114 -14.06 -3.37 13.62
N TYR A 115 -12.96 -3.73 12.98
CA TYR A 115 -12.48 -5.10 12.98
C TYR A 115 -12.14 -5.59 14.39
N PHE A 116 -11.51 -4.75 15.19
CA PHE A 116 -11.12 -5.13 16.54
C PHE A 116 -12.17 -4.75 17.59
N ASN A 117 -13.38 -4.39 17.16
CA ASN A 117 -14.49 -4.10 18.07
C ASN A 117 -14.09 -3.02 19.07
N GLY A 118 -13.58 -1.90 18.56
CA GLY A 118 -13.23 -0.79 19.40
C GLY A 118 -14.42 -0.12 20.07
N LYS A 119 -15.63 -0.33 19.55
CA LYS A 119 -16.80 0.33 20.12
C LYS A 119 -17.16 -0.24 21.49
N ASP A 120 -16.76 -1.48 21.77
CA ASP A 120 -16.95 -2.07 23.09
C ASP A 120 -15.70 -1.98 23.94
N ASN A 121 -14.69 -1.24 23.48
CA ASN A 121 -13.38 -1.20 24.13
C ASN A 121 -12.91 -2.61 24.46
N SER A 122 -12.98 -3.49 23.47
CA SER A 122 -12.69 -4.89 23.67
C SER A 122 -11.20 -5.10 23.98
N ARG A 123 -10.88 -6.28 24.50
CA ARG A 123 -9.49 -6.63 24.74
C ARG A 123 -8.68 -6.57 23.44
N GLU A 124 -9.26 -7.04 22.34
CA GLU A 124 -8.55 -7.04 21.07
C GLU A 124 -8.23 -5.61 20.63
N TRP A 125 -9.17 -4.70 20.83
CA TRP A 125 -8.92 -3.30 20.49
C TRP A 125 -7.82 -2.72 21.34
N GLN A 126 -7.86 -2.99 22.64
CA GLN A 126 -6.83 -2.50 23.55
C GLN A 126 -5.46 -3.04 23.15
N GLU A 127 -5.39 -4.32 22.78
CA GLU A 127 -4.10 -4.89 22.37
C GLU A 127 -3.63 -4.31 21.03
N PHE A 128 -4.55 -4.11 20.09
CA PHE A 128 -4.14 -3.48 18.82
C PHE A 128 -3.64 -2.06 19.06
N LYS A 129 -4.39 -1.27 19.83
CA LYS A 129 -3.94 0.08 20.15
C LYS A 129 -2.57 0.06 20.82
N ALA A 130 -2.35 -0.90 21.73
CA ALA A 130 -1.07 -1.01 22.40
C ALA A 130 0.04 -1.33 21.41
N ARG A 131 -0.24 -2.22 20.45
CA ARG A 131 0.74 -2.52 19.41
C ARG A 131 1.06 -1.28 18.58
N VAL A 132 0.04 -0.54 18.17
CA VAL A 132 0.27 0.69 17.41
C VAL A 132 1.06 1.70 18.25
N GLU A 133 0.70 1.85 19.53
CA GLU A 133 1.35 2.84 20.38
C GLU A 133 2.83 2.52 20.62
N THR A 134 3.20 1.26 20.62
CA THR A 134 4.59 0.89 20.90
C THR A 134 5.42 0.78 19.63
N SER A 135 4.78 0.80 18.47
CA SER A 135 5.51 0.86 17.21
CA SER A 135 5.47 0.89 17.19
C SER A 135 6.31 2.16 17.13
N ARG A 136 7.23 2.19 16.17
CA ARG A 136 8.00 3.40 15.93
C ARG A 136 7.38 4.26 14.85
N PHE A 137 6.05 4.28 14.82
CA PHE A 137 5.27 5.17 13.98
C PHE A 137 5.27 6.59 14.57
N PRO A 138 5.35 7.63 13.74
CA PRO A 138 5.10 8.99 14.25
C PRO A 138 3.70 9.07 14.84
N ARG A 139 3.51 10.04 15.74
CA ARG A 139 2.24 10.12 16.46
C ARG A 139 1.06 10.34 15.52
N SER A 140 1.28 11.07 14.43
CA SER A 140 0.18 11.28 13.49
C SER A 140 -0.17 10.00 12.75
N LYS A 141 0.82 9.11 12.56
CA LYS A 141 0.53 7.82 11.94
C LYS A 141 -0.21 6.91 12.90
N LYS A 142 0.23 6.88 14.17
CA LYS A 142 -0.52 6.15 15.19
C LYS A 142 -1.96 6.64 15.21
N GLN A 143 -2.16 7.97 15.22
CA GLN A 143 -3.51 8.53 15.27
C GLN A 143 -4.36 8.05 14.10
N ARG A 144 -3.78 8.06 12.89
CA ARG A 144 -4.53 7.72 11.68
C ARG A 144 -5.06 6.29 11.75
N ILE A 145 -4.20 5.36 12.18
CA ILE A 145 -4.54 3.95 12.16
C ILE A 145 -5.66 3.66 13.13
N LEU A 146 -5.76 4.45 14.19
CA LEU A 146 -6.74 4.23 15.24
C LEU A 146 -7.99 5.08 15.09
N LEU A 147 -8.16 5.77 13.94
CA LEU A 147 -9.28 6.68 13.79
C LEU A 147 -10.60 5.94 13.93
N GLN A 148 -11.56 6.57 14.60
CA GLN A 148 -12.87 6.00 14.82
C GLN A 148 -13.97 6.64 13.99
N LYS A 149 -13.86 7.93 13.68
CA LYS A 149 -14.94 8.69 13.06
C LYS A 149 -14.60 9.04 11.61
N PHE A 150 -15.53 8.73 10.70
CA PHE A 150 -15.36 8.92 9.26
C PHE A 150 -16.61 9.51 8.65
N ASP A 151 -16.42 10.41 7.69
CA ASP A 151 -17.51 10.93 6.86
C ASP A 151 -17.37 10.31 5.47
N GLU A 152 -18.26 9.39 5.14
CA GLU A 152 -18.21 8.70 3.85
C GLU A 152 -19.17 9.30 2.84
N ASP A 153 -19.77 10.46 3.13
CA ASP A 153 -20.76 11.02 2.23
C ASP A 153 -20.12 11.61 0.97
N GLY A 154 -18.86 12.03 1.05
CA GLY A 154 -18.17 12.49 -0.14
C GLY A 154 -17.82 11.38 -1.12
N PHE A 155 -18.06 10.13 -0.74
CA PHE A 155 -17.73 8.98 -1.59
C PHE A 155 -19.01 8.25 -1.99
N ASN B 3 -17.58 6.92 -7.89
CA ASN B 3 -16.45 6.00 -7.87
C ASN B 3 -16.87 4.59 -7.42
N LYS B 4 -17.31 3.75 -8.35
CA LYS B 4 -17.79 2.44 -7.96
C LYS B 4 -16.67 1.60 -7.37
N THR B 5 -17.03 0.77 -6.41
CA THR B 5 -16.09 -0.05 -5.67
C THR B 5 -16.49 -1.49 -5.84
N TYR B 6 -15.50 -2.35 -6.04
CA TYR B 6 -15.70 -3.74 -6.35
C TYR B 6 -14.81 -4.60 -5.47
N LYS B 7 -15.35 -5.70 -4.97
CA LYS B 7 -14.53 -6.67 -4.27
C LYS B 7 -13.53 -7.27 -5.25
N ILE B 8 -12.29 -7.44 -4.79
CA ILE B 8 -11.27 -8.07 -5.60
C ILE B 8 -11.33 -9.58 -5.39
N GLY B 9 -11.35 -10.31 -6.49
CA GLY B 9 -11.52 -11.75 -6.42
C GLY B 9 -10.29 -12.46 -5.88
N LYS B 10 -10.51 -13.72 -5.48
CA LYS B 10 -9.48 -14.49 -4.80
C LYS B 10 -8.33 -14.89 -5.72
N ASN B 11 -8.53 -14.89 -7.03
CA ASN B 11 -7.48 -15.29 -7.97
C ASN B 11 -7.07 -14.14 -8.88
N ALA B 12 -7.19 -12.91 -8.38
CA ALA B 12 -7.02 -11.70 -9.18
C ALA B 12 -5.60 -11.19 -9.24
N GLY B 13 -4.71 -11.68 -8.38
CA GLY B 13 -3.36 -11.15 -8.30
C GLY B 13 -3.19 -10.05 -7.27
N TYR B 14 -4.02 -10.06 -6.21
CA TYR B 14 -3.91 -9.02 -5.19
C TYR B 14 -2.51 -9.00 -4.57
N ASP B 15 -2.01 -7.80 -4.31
CA ASP B 15 -0.69 -7.65 -3.71
C ASP B 15 -0.69 -6.44 -2.80
N GLY B 16 -1.74 -6.29 -1.99
CA GLY B 16 -1.84 -5.17 -1.08
C GLY B 16 -2.33 -3.92 -1.81
N CYS B 17 -2.10 -2.78 -1.16
CA CYS B 17 -2.61 -1.54 -1.74
C CYS B 17 -1.74 -1.09 -2.91
N GLY B 18 -2.35 -0.36 -3.85
CA GLY B 18 -1.59 0.17 -4.96
C GLY B 18 -2.48 0.54 -6.13
N LEU B 19 -1.94 1.44 -6.96
CA LEU B 19 -2.62 1.80 -8.20
C LEU B 19 -2.58 0.61 -9.16
N CYS B 20 -3.68 0.41 -9.88
CA CYS B 20 -3.79 -0.78 -10.71
C CYS B 20 -4.89 -0.61 -11.75
N LEU B 21 -4.81 -1.44 -12.79
CA LEU B 21 -5.94 -1.70 -13.68
C LEU B 21 -6.74 -2.85 -13.08
N ALA B 22 -8.06 -2.81 -13.28
CA ALA B 22 -8.88 -3.93 -12.86
C ALA B 22 -9.84 -4.31 -13.96
N ALA B 23 -9.97 -5.62 -14.18
CA ALA B 23 -11.00 -6.18 -15.02
C ALA B 23 -12.19 -6.59 -14.15
N ILE B 24 -13.37 -6.08 -14.47
CA ILE B 24 -14.56 -6.24 -13.64
C ILE B 24 -15.56 -7.14 -14.35
N SER B 25 -15.97 -8.22 -13.68
CA SER B 25 -16.94 -9.17 -14.23
C SER B 25 -17.86 -9.64 -13.11
N GLU B 26 -19.17 -9.60 -13.37
CA GLU B 26 -20.21 -9.84 -12.37
C GLU B 26 -19.93 -9.07 -11.08
N ASN B 27 -19.63 -7.78 -11.21
CA ASN B 27 -19.49 -6.89 -10.06
C ASN B 27 -18.29 -7.26 -9.18
N GLU B 28 -17.28 -7.91 -9.75
CA GLU B 28 -16.08 -8.26 -9.01
C GLU B 28 -14.86 -8.00 -9.87
N ALA B 29 -13.77 -7.55 -9.24
CA ALA B 29 -12.47 -7.41 -9.89
C ALA B 29 -11.84 -8.80 -10.02
N ILE B 30 -11.93 -9.38 -11.21
CA ILE B 30 -11.42 -10.74 -11.41
C ILE B 30 -9.94 -10.76 -11.76
N LYS B 31 -9.38 -9.62 -12.15
CA LYS B 31 -7.94 -9.50 -12.37
C LYS B 31 -7.53 -8.07 -12.04
N VAL B 32 -6.40 -7.93 -11.36
CA VAL B 32 -5.79 -6.62 -11.14
C VAL B 32 -4.36 -6.69 -11.64
N LYS B 33 -3.90 -5.59 -12.23
CA LYS B 33 -2.51 -5.45 -12.65
C LYS B 33 -2.02 -4.13 -12.09
N TYR B 34 -1.09 -4.20 -11.16
CA TYR B 34 -0.63 -2.99 -10.50
C TYR B 34 0.24 -2.19 -11.46
N LEU B 35 0.13 -0.87 -11.38
CA LEU B 35 0.99 -0.01 -12.16
C LEU B 35 2.47 -0.35 -11.94
N ARG B 36 2.84 -0.58 -10.67
CA ARG B 36 4.25 -0.86 -10.36
C ARG B 36 4.74 -2.14 -11.02
N ASP B 37 3.84 -3.03 -11.44
CA ASP B 37 4.24 -4.19 -12.22
C ASP B 37 4.16 -3.93 -13.72
N ILE B 38 3.11 -3.22 -14.17
CA ILE B 38 2.98 -2.86 -15.57
C ILE B 38 4.14 -1.96 -16.00
N CYS B 39 4.43 -0.94 -15.20
CA CYS B 39 5.51 0.00 -15.47
C CYS B 39 6.56 -0.13 -14.37
N PRO B 40 7.59 -0.96 -14.58
CA PRO B 40 8.61 -1.15 -13.54
C PRO B 40 9.38 0.13 -13.21
N ASP B 41 9.08 1.21 -13.93
CA ASP B 41 9.73 2.50 -13.68
C ASP B 41 8.89 3.44 -12.83
N TYR B 42 7.62 3.12 -12.58
CA TYR B 42 6.87 3.84 -11.55
C TYR B 42 7.49 3.51 -10.21
N ASP B 43 8.20 4.46 -9.62
CA ASP B 43 8.85 4.30 -8.33
C ASP B 43 8.16 5.10 -7.24
N GLY B 44 6.90 5.47 -7.45
CA GLY B 44 6.17 6.35 -6.54
C GLY B 44 5.55 5.63 -5.37
N ASP B 45 4.46 6.22 -4.84
CA ASP B 45 3.87 5.80 -3.57
C ASP B 45 2.36 5.55 -3.68
N ASP B 46 1.84 5.34 -4.89
CA ASP B 46 0.46 4.90 -5.09
C ASP B 46 -0.56 5.89 -4.53
N LYS B 47 -0.50 7.12 -5.01
CA LYS B 47 -1.50 8.12 -4.68
C LYS B 47 -2.49 8.28 -5.83
N ALA B 48 -3.75 8.55 -5.51
CA ALA B 48 -4.82 8.45 -6.52
C ALA B 48 -4.59 9.40 -7.69
N GLU B 49 -4.13 10.62 -7.42
CA GLU B 49 -4.02 11.60 -8.49
C GLU B 49 -2.94 11.23 -9.51
N ASP B 50 -2.12 10.21 -9.23
CA ASP B 50 -1.05 9.81 -10.16
C ASP B 50 -1.58 9.11 -11.42
N TRP B 51 -2.85 8.75 -11.48
CA TRP B 51 -3.38 8.21 -12.72
C TRP B 51 -3.61 9.30 -13.76
N LEU B 52 -3.82 10.55 -13.34
CA LEU B 52 -3.98 11.63 -14.31
C LEU B 52 -2.72 11.80 -15.16
N ARG B 53 -1.56 11.44 -14.60
CA ARG B 53 -0.32 11.42 -15.37
C ARG B 53 -0.14 10.06 -16.05
N TRP B 54 -0.24 8.97 -15.29
CA TRP B 54 0.23 7.66 -15.73
C TRP B 54 -0.75 6.94 -16.66
N GLY B 55 -1.99 7.40 -16.75
CA GLY B 55 -2.97 6.71 -17.57
C GLY B 55 -2.63 6.64 -19.04
N THR B 56 -1.62 7.39 -19.50
CA THR B 56 -1.30 7.50 -20.92
C THR B 56 -0.15 6.61 -21.36
N ASP B 57 0.62 6.06 -20.42
CA ASP B 57 1.77 5.24 -20.79
C ASP B 57 1.35 4.06 -21.64
N SER B 58 2.18 3.71 -22.63
CA SER B 58 1.75 2.78 -23.67
C SER B 58 1.48 1.37 -23.12
N ARG B 59 2.29 0.92 -22.16
CA ARG B 59 2.02 -0.42 -21.66
C ARG B 59 0.80 -0.47 -20.74
N VAL B 60 0.41 0.66 -20.14
CA VAL B 60 -0.87 0.74 -19.44
C VAL B 60 -2.02 0.62 -20.44
N LYS B 61 -1.96 1.38 -21.53
CA LYS B 61 -3.00 1.24 -22.55
C LYS B 61 -3.00 -0.18 -23.11
N ALA B 62 -1.81 -0.76 -23.32
CA ALA B 62 -1.75 -2.12 -23.87
C ALA B 62 -2.29 -3.14 -22.88
N ALA B 63 -1.96 -2.97 -21.59
CA ALA B 63 -2.50 -3.87 -20.58
C ALA B 63 -4.01 -3.73 -20.46
N ALA B 64 -4.53 -2.51 -20.56
CA ALA B 64 -5.97 -2.30 -20.47
C ALA B 64 -6.70 -2.89 -21.67
N LEU B 65 -6.13 -2.74 -22.87
CA LEU B 65 -6.76 -3.25 -24.08
C LEU B 65 -6.88 -4.77 -24.05
N GLU B 66 -5.87 -5.45 -23.53
CA GLU B 66 -5.94 -6.90 -23.40
C GLU B 66 -7.02 -7.30 -22.41
N MET B 67 -7.07 -6.61 -21.26
CA MET B 67 -8.13 -6.87 -20.27
CA MET B 67 -8.12 -6.92 -20.30
C MET B 67 -9.50 -6.63 -20.88
N GLU B 68 -9.64 -5.57 -21.67
CA GLU B 68 -10.93 -5.27 -22.28
C GLU B 68 -11.40 -6.36 -23.23
N GLN B 69 -10.51 -7.25 -23.68
CA GLN B 69 -10.96 -8.33 -24.54
C GLN B 69 -11.86 -9.31 -23.81
N TYR B 70 -11.86 -9.29 -22.48
CA TYR B 70 -12.77 -10.16 -21.75
C TYR B 70 -13.63 -9.44 -20.72
N ALA B 71 -13.28 -8.22 -20.32
CA ALA B 71 -14.07 -7.60 -19.27
C ALA B 71 -13.92 -6.09 -19.28
N TYR B 72 -14.94 -5.44 -18.74
CA TYR B 72 -14.85 -4.02 -18.44
C TYR B 72 -13.59 -3.73 -17.63
N THR B 73 -12.82 -2.74 -18.07
CA THR B 73 -11.53 -2.44 -17.46
C THR B 73 -11.41 -0.97 -17.08
N SER B 74 -10.80 -0.68 -15.94
CA SER B 74 -10.65 0.71 -15.54
C SER B 74 -9.38 0.89 -14.71
N VAL B 75 -8.88 2.12 -14.70
CA VAL B 75 -7.80 2.50 -13.78
C VAL B 75 -8.41 2.74 -12.41
N GLY B 76 -7.63 2.46 -11.38
CA GLY B 76 -8.11 2.77 -10.05
C GLY B 76 -7.11 2.44 -8.98
N MET B 77 -7.63 2.12 -7.80
CA MET B 77 -6.81 1.90 -6.62
CA MET B 77 -6.81 1.88 -6.63
C MET B 77 -7.25 0.59 -5.96
N ALA B 78 -6.27 -0.27 -5.65
CA ALA B 78 -6.50 -1.46 -4.85
C ALA B 78 -6.23 -1.09 -3.39
N SER B 79 -7.14 -1.48 -2.50
CA SER B 79 -7.01 -1.13 -1.08
C SER B 79 -7.95 -2.00 -0.29
N CYS B 80 -7.43 -2.68 0.74
CA CYS B 80 -8.26 -3.49 1.64
C CYS B 80 -9.15 -4.46 0.89
N TRP B 81 -8.59 -5.07 -0.14
CA TRP B 81 -9.25 -6.10 -0.94
C TRP B 81 -10.43 -5.56 -1.73
N GLU B 82 -10.42 -4.26 -2.00
CA GLU B 82 -11.39 -3.61 -2.86
C GLU B 82 -10.65 -2.90 -3.99
N PHE B 83 -11.33 -2.76 -5.11
CA PHE B 83 -10.86 -1.89 -6.18
C PHE B 83 -11.80 -0.70 -6.30
N VAL B 84 -11.22 0.50 -6.31
CA VAL B 84 -11.97 1.74 -6.46
C VAL B 84 -11.62 2.35 -7.80
N GLU B 85 -12.63 2.56 -8.64
CA GLU B 85 -12.43 3.22 -9.93
C GLU B 85 -12.01 4.66 -9.70
N LEU B 86 -11.01 5.10 -10.47
CA LEU B 86 -10.59 6.49 -10.43
C LEU B 86 -10.78 7.15 -11.79
#